data_9BXY
#
_entry.id   9BXY
#
_cell.length_a   66.467
_cell.length_b   67.686
_cell.length_c   87.389
_cell.angle_alpha   90.00
_cell.angle_beta   90.00
_cell.angle_gamma   90.00
#
_symmetry.space_group_name_H-M   'P 21 21 21'
#
loop_
_entity.id
_entity.type
_entity.pdbx_description
1 polymer 'HIV-1 LM/HS clade A/E CRF01 gp120 core'
2 non-polymer 2-acetamido-2-deoxy-beta-D-glucopyranose
3 non-polymer '4-(2-HYDROXYETHYL)-1-PIPERAZINE ETHANESULFONIC ACID'
4 non-polymer (3S,5R)-1-[4-(1-carbamimidoyl-L-prolyl)piperazine-1-carbonyl]-N-(4-chloro-3-fluorophenyl)-5-(hydroxymethyl)piperidine-3-carboxamide
5 water water
#
_entity_poly.entity_id   1
_entity_poly.type   'polypeptide(L)'
_entity_poly.pdbx_seq_one_letter_code
;VPVWKDADTTLFCASDAKAYETEVHNVWATHACVPTDPNPQEIHLENVTENFNMWKNNMVEQMHEDIISLWDQSLQPCVK
LTGGSVIKQACPKISFDPIPIHYCTPAGYVILKCNDKNFNGTGPCKNVSSVQCTHGIKPVVSTQLLLNGSLAEEEIIIRS
ENLTNNAKTIIVHLNKSVEINCTRPSNGGSGSGGDIRKAYCEINGTKWNKVLKQVTEKLKEHFNNKTIIFQPPSGGDLEI
TMHSFNCRGEFFYCNTTQLFNNTCIGNETMKGCNGTITLPCKIKQIINMWQGTGQAMYAPPIDGKINCVSNITGILLTRD
GGANNTSNETFRPGGGDMRDNWRSELYKYKVVQIE
;
_entity_poly.pdbx_strand_id   A
#
loop_
_chem_comp.id
_chem_comp.type
_chem_comp.name
_chem_comp.formula
A1ATE non-polymer (3S,5R)-1-[4-(1-carbamimidoyl-L-prolyl)piperazine-1-carbonyl]-N-(4-chloro-3-fluorophenyl)-5-(hydroxymethyl)piperidine-3-carboxamide 'C24 H33 Cl F N7 O4'
EPE non-polymer '4-(2-HYDROXYETHYL)-1-PIPERAZINE ETHANESULFONIC ACID' 'C8 H18 N2 O4 S'
NAG D-saccharide, beta linking 2-acetamido-2-deoxy-beta-D-glucopyranose 'C8 H15 N O6'
#
# COMPACT_ATOMS: atom_id res chain seq x y z
N PRO A 2 3.52 -14.47 -32.09
CA PRO A 2 3.43 -13.63 -30.87
C PRO A 2 3.42 -12.14 -31.13
N VAL A 3 2.36 -11.52 -31.62
CA VAL A 3 2.32 -10.07 -31.76
C VAL A 3 1.27 -9.48 -30.82
N TRP A 4 1.60 -8.34 -30.16
CA TRP A 4 0.69 -7.66 -29.24
C TRP A 4 0.84 -6.14 -29.34
N LYS A 5 -0.15 -5.43 -28.79
CA LYS A 5 -0.15 -3.98 -28.69
C LYS A 5 -0.72 -3.57 -27.34
N ASP A 6 -0.23 -2.45 -26.83
CA ASP A 6 -0.76 -1.87 -25.60
C ASP A 6 -2.28 -1.73 -25.73
N ALA A 7 -3.00 -2.15 -24.70
CA ALA A 7 -4.45 -2.05 -24.70
C ALA A 7 -4.95 -2.05 -23.27
N ASP A 8 -6.19 -1.62 -23.12
CA ASP A 8 -6.92 -1.64 -21.86
C ASP A 8 -8.17 -2.49 -22.03
N THR A 9 -8.54 -3.20 -20.96
CA THR A 9 -9.70 -4.06 -21.02
C THR A 9 -10.12 -4.34 -19.58
N THR A 10 -11.37 -4.77 -19.41
CA THR A 10 -11.85 -5.15 -18.08
C THR A 10 -11.19 -6.45 -17.65
N LEU A 11 -10.57 -6.44 -16.48
CA LEU A 11 -9.98 -7.64 -15.93
C LEU A 11 -11.05 -8.41 -15.14
N PHE A 12 -10.73 -9.64 -14.80
CA PHE A 12 -11.47 -10.37 -13.76
C PHE A 12 -10.51 -10.79 -12.66
N CYS A 13 -11.08 -11.24 -11.53
CA CYS A 13 -10.27 -11.52 -10.36
C CYS A 13 -10.43 -12.97 -9.94
N ALA A 14 -9.42 -13.44 -9.22
CA ALA A 14 -9.33 -14.82 -8.78
C ALA A 14 -8.71 -14.86 -7.40
N SER A 15 -9.20 -15.77 -6.57
CA SER A 15 -8.74 -15.84 -5.19
C SER A 15 -8.97 -17.26 -4.66
N ASP A 16 -8.31 -17.54 -3.54
CA ASP A 16 -8.52 -18.76 -2.78
C ASP A 16 -9.56 -18.57 -1.68
N ALA A 17 -10.47 -17.62 -1.84
CA ALA A 17 -11.50 -17.40 -0.82
C ALA A 17 -12.14 -18.71 -0.40
N LYS A 18 -12.44 -18.82 0.90
CA LYS A 18 -13.14 -19.96 1.46
C LYS A 18 -14.64 -19.66 1.55
N ALA A 19 -15.47 -20.53 0.97
CA ALA A 19 -16.90 -20.27 0.90
C ALA A 19 -17.58 -20.34 2.28
N TYR A 20 -16.99 -21.07 3.21
CA TYR A 20 -17.52 -21.16 4.56
C TYR A 20 -17.10 -20.00 5.46
N GLU A 21 -16.13 -19.20 5.05
CA GLU A 21 -15.60 -18.16 5.91
C GLU A 21 -16.56 -16.97 5.95
N THR A 22 -16.71 -16.37 7.14
CA THR A 22 -17.49 -15.15 7.32
C THR A 22 -16.66 -13.88 7.15
N GLU A 23 -15.32 -13.98 7.25
CA GLU A 23 -14.42 -12.85 6.99
C GLU A 23 -14.80 -12.18 5.68
N VAL A 24 -14.81 -10.84 5.67
CA VAL A 24 -15.51 -10.10 4.62
C VAL A 24 -14.76 -10.09 3.29
N HIS A 25 -13.43 -10.27 3.30
CA HIS A 25 -12.71 -10.37 2.03
C HIS A 25 -13.03 -11.70 1.36
N ASN A 26 -13.08 -12.79 2.14
CA ASN A 26 -13.50 -14.08 1.57
C ASN A 26 -14.92 -13.98 1.01
N VAL A 27 -15.85 -13.42 1.79
CA VAL A 27 -17.22 -13.25 1.31
C VAL A 27 -17.23 -12.54 -0.03
N TRP A 28 -16.50 -11.43 -0.12
CA TRP A 28 -16.49 -10.64 -1.35
C TRP A 28 -15.88 -11.41 -2.51
N ALA A 29 -14.80 -12.17 -2.25
CA ALA A 29 -14.09 -12.84 -3.34
C ALA A 29 -14.88 -14.04 -3.83
N THR A 30 -15.63 -14.66 -2.92
CA THR A 30 -16.46 -15.80 -3.27
C THR A 30 -17.46 -15.44 -4.35
N HIS A 31 -18.09 -14.27 -4.26
CA HIS A 31 -19.14 -13.93 -5.20
C HIS A 31 -18.71 -12.96 -6.30
N ALA A 32 -17.50 -12.43 -6.26
CA ALA A 32 -17.04 -11.53 -7.31
C ALA A 32 -15.79 -12.02 -8.02
N CYS A 33 -15.15 -13.09 -7.56
CA CYS A 33 -13.98 -13.66 -8.20
C CYS A 33 -14.22 -15.14 -8.44
N VAL A 34 -13.44 -15.72 -9.35
CA VAL A 34 -13.45 -17.15 -9.61
C VAL A 34 -12.29 -17.77 -8.82
N PRO A 35 -12.17 -19.09 -8.74
CA PRO A 35 -11.04 -19.69 -8.02
C PRO A 35 -9.72 -19.39 -8.73
N THR A 36 -8.63 -19.39 -7.95
CA THR A 36 -7.36 -19.06 -8.57
C THR A 36 -6.93 -20.16 -9.53
N ASP A 37 -6.13 -19.76 -10.50
CA ASP A 37 -5.62 -20.62 -11.56
C ASP A 37 -5.01 -21.87 -10.93
N PRO A 38 -5.56 -23.06 -11.17
CA PRO A 38 -4.95 -24.26 -10.59
C PRO A 38 -3.56 -24.53 -11.13
N ASN A 39 -3.31 -24.29 -12.41
CA ASN A 39 -1.98 -24.52 -13.00
C ASN A 39 -1.50 -23.26 -13.70
N PRO A 40 -0.93 -22.31 -12.96
CA PRO A 40 -0.50 -21.04 -13.57
C PRO A 40 0.75 -21.26 -14.42
N GLN A 41 0.78 -20.65 -15.60
CA GLN A 41 1.87 -20.84 -16.56
C GLN A 41 2.49 -19.50 -16.89
N GLU A 42 3.83 -19.44 -16.87
CA GLU A 42 4.56 -18.19 -17.12
C GLU A 42 5.50 -18.44 -18.29
N ILE A 43 5.18 -17.83 -19.43
CA ILE A 43 5.97 -17.97 -20.65
C ILE A 43 6.98 -16.84 -20.72
N HIS A 44 8.26 -17.19 -20.81
CA HIS A 44 9.28 -16.19 -21.03
C HIS A 44 9.31 -15.79 -22.50
N LEU A 45 9.66 -14.53 -22.76
CA LEU A 45 9.68 -13.95 -24.10
C LEU A 45 11.14 -13.68 -24.48
N GLU A 46 11.64 -14.39 -25.48
CA GLU A 46 13.06 -14.32 -25.80
C GLU A 46 13.40 -12.98 -26.45
N ASN A 47 14.52 -12.38 -26.00
CA ASN A 47 15.04 -11.09 -26.47
C ASN A 47 13.93 -10.09 -26.81
N VAL A 48 12.96 -9.99 -25.92
CA VAL A 48 11.91 -8.98 -26.02
C VAL A 48 12.22 -7.86 -25.04
N THR A 49 12.11 -6.62 -25.49
CA THR A 49 12.20 -5.47 -24.61
C THR A 49 10.89 -4.70 -24.71
N GLU A 50 10.26 -4.46 -23.56
CA GLU A 50 8.98 -3.77 -23.51
C GLU A 50 9.11 -2.58 -22.56
N ASN A 51 8.27 -1.57 -22.80
CA ASN A 51 8.26 -0.38 -21.98
C ASN A 51 7.05 -0.40 -21.07
N PHE A 52 7.29 -0.16 -19.79
CA PHE A 52 6.25 -0.13 -18.78
C PHE A 52 6.16 1.29 -18.24
N ASN A 53 5.02 1.57 -17.58
CA ASN A 53 4.80 2.85 -16.93
C ASN A 53 3.82 2.59 -15.79
N MET A 54 4.35 2.45 -14.58
CA MET A 54 3.50 2.11 -13.46
C MET A 54 2.59 3.27 -13.05
N TRP A 55 2.89 4.48 -13.51
CA TRP A 55 2.09 5.63 -13.12
C TRP A 55 0.93 5.86 -14.08
N LYS A 56 0.92 5.11 -15.19
CA LYS A 56 -0.09 5.23 -16.24
C LYS A 56 -0.51 3.81 -16.62
N ASN A 57 -1.18 3.16 -15.69
CA ASN A 57 -1.46 1.72 -15.77
C ASN A 57 -2.89 1.52 -15.32
N ASN A 58 -3.75 1.23 -16.29
CA ASN A 58 -5.17 1.10 -16.03
C ASN A 58 -5.49 -0.03 -15.06
N MET A 59 -4.57 -0.99 -14.86
CA MET A 59 -4.85 -2.03 -13.87
C MET A 59 -5.02 -1.43 -12.49
N VAL A 60 -4.23 -0.39 -12.17
CA VAL A 60 -4.36 0.23 -10.86
C VAL A 60 -5.78 0.75 -10.67
N GLU A 61 -6.30 1.44 -11.70
CA GLU A 61 -7.63 2.03 -11.60
C GLU A 61 -8.70 0.97 -11.35
N GLN A 62 -8.54 -0.21 -11.96
CA GLN A 62 -9.52 -1.29 -11.82
C GLN A 62 -9.46 -1.93 -10.44
N MET A 63 -8.26 -2.14 -9.91
CA MET A 63 -8.14 -2.64 -8.54
C MET A 63 -8.76 -1.67 -7.55
N HIS A 64 -8.56 -0.37 -7.78
CA HIS A 64 -9.12 0.63 -6.87
C HIS A 64 -10.63 0.47 -6.76
N GLU A 65 -11.30 0.27 -7.91
CA GLU A 65 -12.75 0.10 -7.93
C GLU A 65 -13.16 -1.17 -7.20
N ASP A 66 -12.39 -2.24 -7.35
CA ASP A 66 -12.72 -3.46 -6.62
C ASP A 66 -12.67 -3.21 -5.12
N ILE A 67 -11.58 -2.61 -4.64
CA ILE A 67 -11.41 -2.45 -3.20
C ILE A 67 -12.47 -1.48 -2.66
N ILE A 68 -12.77 -0.42 -3.40
CA ILE A 68 -13.89 0.43 -3.02
C ILE A 68 -15.15 -0.39 -2.82
N SER A 69 -15.49 -1.20 -3.83
CA SER A 69 -16.69 -2.03 -3.77
C SER A 69 -16.61 -3.00 -2.60
N LEU A 70 -15.48 -3.68 -2.44
CA LEU A 70 -15.26 -4.55 -1.28
C LEU A 70 -15.58 -3.81 0.02
N TRP A 71 -14.96 -2.63 0.24
CA TRP A 71 -15.18 -1.90 1.49
C TRP A 71 -16.65 -1.49 1.64
N ASP A 72 -17.30 -1.06 0.55
CA ASP A 72 -18.68 -0.58 0.60
C ASP A 72 -19.68 -1.67 1.02
N GLN A 73 -19.39 -2.95 0.77
CA GLN A 73 -20.29 -4.03 1.14
C GLN A 73 -19.82 -4.77 2.37
N SER A 74 -18.74 -4.35 3.00
CA SER A 74 -18.18 -5.12 4.10
C SER A 74 -18.08 -4.30 5.37
N LEU A 75 -17.38 -3.17 5.33
CA LEU A 75 -17.33 -2.32 6.54
C LEU A 75 -18.46 -1.31 6.42
N GLN A 76 -19.65 -1.68 6.83
CA GLN A 76 -20.63 -0.61 6.74
C GLN A 76 -20.58 0.23 8.01
N PRO A 77 -20.53 1.55 7.89
CA PRO A 77 -20.38 2.40 9.07
C PRO A 77 -21.72 2.75 9.70
N CYS A 78 -21.71 2.96 11.03
CA CYS A 78 -22.94 3.31 11.73
C CYS A 78 -23.61 4.54 11.13
N VAL A 79 -22.81 5.51 10.68
CA VAL A 79 -23.35 6.73 10.07
C VAL A 79 -22.37 7.28 9.04
N LYS A 80 -22.84 7.48 7.83
CA LYS A 80 -22.05 8.08 6.76
C LYS A 80 -22.53 9.51 6.57
N LEU A 81 -21.60 10.45 6.58
CA LEU A 81 -21.91 11.87 6.37
C LEU A 81 -21.31 12.30 5.03
N THR A 82 -22.17 12.65 4.06
CA THR A 82 -21.72 12.85 2.69
C THR A 82 -22.53 13.98 2.04
N GLY A 83 -21.84 14.95 1.42
CA GLY A 83 -22.52 16.01 0.65
C GLY A 83 -23.87 16.50 1.20
N GLY A 84 -23.92 16.91 2.49
CA GLY A 84 -25.14 17.41 3.11
C GLY A 84 -26.09 16.37 3.65
N SER A 85 -26.01 15.12 3.18
CA SER A 85 -26.91 14.06 3.57
C SER A 85 -26.24 13.16 4.61
N VAL A 86 -27.02 12.67 5.57
CA VAL A 86 -26.52 11.73 6.56
C VAL A 86 -27.39 10.48 6.49
N ILE A 87 -26.75 9.32 6.61
CA ILE A 87 -27.42 8.02 6.49
C ILE A 87 -26.97 7.16 7.66
N LYS A 88 -27.92 6.71 8.48
CA LYS A 88 -27.62 5.79 9.57
C LYS A 88 -27.94 4.38 9.06
N GLN A 89 -26.96 3.48 9.16
CA GLN A 89 -27.12 2.12 8.66
C GLN A 89 -26.99 1.16 9.83
N ALA A 90 -26.70 -0.12 9.54
CA ALA A 90 -26.34 -1.06 10.58
C ALA A 90 -24.84 -1.29 10.51
N CYS A 91 -24.20 -1.42 11.67
CA CYS A 91 -22.73 -1.47 11.76
C CYS A 91 -22.33 -2.51 12.80
N PRO A 92 -22.63 -3.78 12.55
CA PRO A 92 -22.13 -4.85 13.43
C PRO A 92 -20.63 -5.03 13.25
N LYS A 93 -19.99 -5.50 14.33
CA LYS A 93 -18.57 -5.84 14.29
C LYS A 93 -18.34 -6.99 13.31
N ILE A 94 -17.35 -6.83 12.45
CA ILE A 94 -17.11 -7.76 11.34
C ILE A 94 -15.80 -8.50 11.56
N SER A 95 -15.55 -9.48 10.72
CA SER A 95 -14.27 -10.19 10.67
C SER A 95 -13.50 -9.69 9.46
N PHE A 96 -12.29 -9.19 9.68
CA PHE A 96 -11.56 -8.41 8.68
C PHE A 96 -10.11 -8.85 8.69
N ASP A 97 -9.64 -9.36 7.55
CA ASP A 97 -8.28 -9.82 7.37
C ASP A 97 -8.01 -10.01 5.87
N PRO A 98 -7.39 -9.03 5.21
CA PRO A 98 -7.32 -9.04 3.74
C PRO A 98 -6.67 -10.33 3.21
N ILE A 99 -7.12 -10.77 2.04
CA ILE A 99 -6.59 -11.96 1.39
C ILE A 99 -6.05 -11.59 0.00
N PRO A 100 -5.13 -12.36 -0.55
CA PRO A 100 -4.57 -11.99 -1.86
C PRO A 100 -5.61 -12.11 -2.97
N ILE A 101 -5.64 -11.10 -3.86
CA ILE A 101 -6.49 -11.13 -5.04
C ILE A 101 -5.59 -11.16 -6.26
N HIS A 102 -5.90 -12.08 -7.19
CA HIS A 102 -5.25 -12.13 -8.50
C HIS A 102 -6.09 -11.42 -9.55
N TYR A 103 -5.43 -10.69 -10.45
CA TYR A 103 -6.07 -10.00 -11.57
C TYR A 103 -5.63 -10.70 -12.85
N CYS A 104 -6.59 -10.88 -13.78
CA CYS A 104 -6.50 -11.85 -14.85
C CYS A 104 -7.12 -11.30 -16.12
N THR A 105 -6.53 -11.63 -17.24
CA THR A 105 -7.02 -11.06 -18.49
C THR A 105 -7.98 -12.03 -19.16
N PRO A 106 -9.00 -11.53 -19.83
CA PRO A 106 -9.92 -12.39 -20.58
C PRO A 106 -9.27 -12.76 -21.91
N ALA A 107 -10.00 -13.56 -22.68
CA ALA A 107 -9.49 -14.04 -23.95
C ALA A 107 -9.18 -12.88 -24.90
N GLY A 108 -8.06 -12.98 -25.60
CA GLY A 108 -7.61 -11.96 -26.51
C GLY A 108 -6.57 -11.03 -25.93
N TYR A 109 -6.36 -11.10 -24.61
CA TYR A 109 -5.41 -10.23 -23.92
C TYR A 109 -4.49 -11.09 -23.06
N VAL A 110 -3.33 -10.51 -22.72
CA VAL A 110 -2.37 -11.15 -21.84
C VAL A 110 -1.79 -10.07 -20.94
N ILE A 111 -1.18 -10.50 -19.84
CA ILE A 111 -0.47 -9.61 -18.94
C ILE A 111 1.02 -9.81 -19.16
N LEU A 112 1.74 -8.73 -19.43
CA LEU A 112 3.18 -8.78 -19.55
C LEU A 112 3.78 -8.48 -18.18
N LYS A 113 4.79 -9.26 -17.80
CA LYS A 113 5.41 -9.17 -16.48
C LYS A 113 6.89 -8.83 -16.63
N CYS A 114 7.30 -7.76 -15.96
CA CYS A 114 8.68 -7.27 -16.03
C CYS A 114 9.51 -7.95 -14.95
N ASN A 115 10.59 -8.61 -15.33
CA ASN A 115 11.35 -9.40 -14.38
C ASN A 115 12.73 -8.82 -14.10
N ASP A 116 12.96 -7.56 -14.47
CA ASP A 116 14.22 -6.89 -14.19
C ASP A 116 14.26 -6.54 -12.71
N LYS A 117 15.26 -7.07 -11.99
CA LYS A 117 15.27 -6.95 -10.54
C LYS A 117 15.39 -5.52 -10.05
N ASN A 118 15.97 -4.62 -10.87
CA ASN A 118 16.20 -3.23 -10.51
C ASN A 118 15.16 -2.27 -11.09
N PHE A 119 14.21 -2.79 -11.87
CA PHE A 119 13.19 -1.98 -12.52
C PHE A 119 12.55 -0.98 -11.56
N ASN A 120 12.43 0.27 -11.99
CA ASN A 120 11.90 1.29 -11.09
C ASN A 120 10.46 1.68 -11.38
N GLY A 121 9.80 1.02 -12.34
CA GLY A 121 8.40 1.24 -12.64
C GLY A 121 8.14 1.91 -13.98
N THR A 122 9.09 2.72 -14.45
CA THR A 122 8.99 3.41 -15.72
C THR A 122 10.21 3.07 -16.57
N GLY A 123 9.97 2.89 -17.85
CA GLY A 123 11.06 2.70 -18.77
C GLY A 123 11.07 1.30 -19.34
N PRO A 124 12.14 0.96 -20.03
CA PRO A 124 12.18 -0.30 -20.76
C PRO A 124 12.56 -1.45 -19.84
N CYS A 125 11.84 -2.55 -20.01
CA CYS A 125 12.15 -3.77 -19.30
C CYS A 125 12.80 -4.74 -20.27
N LYS A 126 13.87 -5.38 -19.84
CA LYS A 126 14.60 -6.28 -20.73
C LYS A 126 14.31 -7.76 -20.47
N ASN A 127 13.67 -8.11 -19.35
CA ASN A 127 13.36 -9.50 -19.01
C ASN A 127 11.84 -9.60 -18.82
N VAL A 128 11.13 -9.81 -19.92
CA VAL A 128 9.68 -9.80 -19.94
C VAL A 128 9.16 -11.22 -20.04
N SER A 129 8.11 -11.52 -19.27
CA SER A 129 7.35 -12.74 -19.43
C SER A 129 5.88 -12.39 -19.62
N SER A 130 5.10 -13.40 -19.99
CA SER A 130 3.66 -13.28 -20.09
C SER A 130 2.99 -14.22 -19.09
N VAL A 131 1.83 -13.81 -18.61
CA VAL A 131 1.09 -14.52 -17.58
C VAL A 131 -0.38 -14.24 -17.83
N GLN A 132 -1.23 -15.16 -17.38
CA GLN A 132 -2.67 -15.01 -17.47
C GLN A 132 -3.20 -14.19 -16.30
N CYS A 133 -2.50 -14.22 -15.17
CA CYS A 133 -2.92 -13.58 -13.95
C CYS A 133 -1.69 -13.00 -13.25
N THR A 134 -1.92 -11.95 -12.47
CA THR A 134 -0.88 -11.47 -11.58
C THR A 134 -0.72 -12.43 -10.41
N HIS A 135 0.39 -12.29 -9.68
CA HIS A 135 0.45 -12.91 -8.37
C HIS A 135 -0.67 -12.35 -7.48
N GLY A 136 -0.77 -12.87 -6.25
CA GLY A 136 -1.85 -12.49 -5.36
C GLY A 136 -1.48 -11.27 -4.54
N ILE A 137 -2.28 -10.23 -4.59
CA ILE A 137 -1.96 -8.96 -3.95
C ILE A 137 -2.96 -8.73 -2.84
N LYS A 138 -2.47 -8.51 -1.63
CA LYS A 138 -3.34 -8.21 -0.50
C LYS A 138 -3.71 -6.74 -0.55
N PRO A 139 -5.00 -6.39 -0.61
CA PRO A 139 -5.45 -4.98 -0.70
C PRO A 139 -5.43 -4.31 0.66
N VAL A 140 -4.23 -4.01 1.14
CA VAL A 140 -4.03 -3.42 2.45
C VAL A 140 -4.17 -1.90 2.34
N VAL A 141 -5.13 -1.34 3.06
CA VAL A 141 -5.36 0.11 3.05
C VAL A 141 -4.55 0.74 4.17
N SER A 142 -3.68 1.70 3.84
CA SER A 142 -2.84 2.37 4.85
C SER A 142 -2.26 3.66 4.30
N THR A 143 -1.73 4.47 5.23
CA THR A 143 -0.96 5.67 4.92
C THR A 143 0.45 5.55 5.49
N GLN A 144 1.37 6.33 4.91
CA GLN A 144 2.76 6.51 5.31
C GLN A 144 3.62 5.27 5.11
N LEU A 145 3.15 4.11 5.59
CA LEU A 145 3.83 2.82 5.45
C LEU A 145 2.99 1.85 4.65
N LEU A 146 3.62 1.17 3.70
CA LEU A 146 2.99 0.09 2.95
C LEU A 146 3.23 -1.21 3.72
N LEU A 147 2.15 -1.93 3.99
CA LEU A 147 2.19 -3.09 4.87
C LEU A 147 1.84 -4.38 4.13
N ASN A 148 2.51 -5.46 4.51
CA ASN A 148 2.15 -6.79 4.10
C ASN A 148 2.27 -6.99 2.59
N GLY A 149 3.10 -6.19 1.94
CA GLY A 149 3.30 -6.27 0.51
C GLY A 149 4.44 -7.18 0.15
N SER A 150 4.85 -7.14 -1.12
CA SER A 150 6.03 -7.80 -1.61
C SER A 150 7.27 -6.91 -1.42
N LEU A 151 8.44 -7.53 -1.43
CA LEU A 151 9.69 -6.79 -1.29
C LEU A 151 10.38 -6.63 -2.65
N ALA A 152 11.25 -5.63 -2.74
CA ALA A 152 12.15 -5.53 -3.88
C ALA A 152 13.22 -6.60 -3.76
N GLU A 153 13.68 -7.13 -4.90
CA GLU A 153 14.49 -8.35 -4.90
C GLU A 153 15.99 -8.10 -4.73
N GLU A 154 16.48 -6.89 -5.03
CA GLU A 154 17.89 -6.60 -4.94
C GLU A 154 18.07 -5.43 -3.99
N GLU A 155 18.23 -4.22 -4.52
CA GLU A 155 18.44 -3.03 -3.74
C GLU A 155 17.11 -2.36 -3.46
N ILE A 156 17.11 -1.46 -2.47
CA ILE A 156 15.97 -0.59 -2.27
C ILE A 156 15.73 0.17 -3.57
N ILE A 157 14.46 0.27 -3.97
CA ILE A 157 14.07 0.98 -5.19
C ILE A 157 13.31 2.24 -4.82
N ILE A 158 13.68 3.36 -5.43
CA ILE A 158 12.93 4.61 -5.35
C ILE A 158 12.06 4.71 -6.59
N ARG A 159 10.75 4.89 -6.40
CA ARG A 159 9.77 4.97 -7.48
C ARG A 159 9.04 6.31 -7.45
N SER A 160 9.01 6.99 -8.58
CA SER A 160 8.29 8.25 -8.71
C SER A 160 8.00 8.50 -10.19
N GLU A 161 6.79 9.03 -10.48
CA GLU A 161 6.49 9.48 -11.83
C GLU A 161 7.49 10.50 -12.30
N ASN A 162 8.04 11.30 -11.38
CA ASN A 162 8.98 12.36 -11.75
C ASN A 162 9.63 12.96 -10.50
N LEU A 163 10.84 12.49 -10.20
CA LEU A 163 11.54 12.86 -8.97
C LEU A 163 11.72 14.37 -8.85
N THR A 164 11.90 15.05 -9.98
CA THR A 164 12.19 16.48 -9.95
C THR A 164 10.98 17.29 -9.49
N ASN A 165 9.78 16.75 -9.69
CA ASN A 165 8.55 17.44 -9.30
C ASN A 165 8.23 17.05 -7.86
N ASN A 166 8.14 18.05 -6.99
CA ASN A 166 8.04 17.81 -5.56
C ASN A 166 6.66 17.32 -5.16
N ALA A 167 5.63 17.65 -5.94
CA ALA A 167 4.30 17.17 -5.63
C ALA A 167 4.08 15.72 -6.03
N LYS A 168 5.08 15.03 -6.56
CA LYS A 168 4.91 13.65 -7.00
C LYS A 168 5.28 12.73 -5.84
N THR A 169 4.32 11.90 -5.40
CA THR A 169 4.57 10.97 -4.29
C THR A 169 5.72 10.05 -4.64
N ILE A 170 6.59 9.78 -3.67
CA ILE A 170 7.70 8.84 -3.86
C ILE A 170 7.37 7.54 -3.14
N ILE A 171 7.57 6.42 -3.81
CA ILE A 171 7.41 5.10 -3.22
C ILE A 171 8.79 4.53 -3.02
N VAL A 172 9.13 4.26 -1.77
CA VAL A 172 10.35 3.52 -1.45
C VAL A 172 9.96 2.07 -1.29
N HIS A 173 10.54 1.21 -2.10
CA HIS A 173 10.31 -0.22 -2.02
C HIS A 173 11.48 -0.85 -1.27
N LEU A 174 11.22 -1.36 -0.06
CA LEU A 174 12.26 -1.98 0.76
C LEU A 174 12.65 -3.33 0.19
N ASN A 175 13.89 -3.75 0.47
CA ASN A 175 14.32 -5.14 0.22
C ASN A 175 14.39 -5.97 1.50
N LYS A 176 14.08 -5.38 2.65
CA LYS A 176 14.04 -6.14 3.89
C LYS A 176 12.89 -5.65 4.73
N SER A 177 11.99 -6.55 5.10
CA SER A 177 10.80 -6.11 5.82
C SER A 177 11.15 -5.83 7.27
N VAL A 178 10.42 -4.89 7.86
CA VAL A 178 10.56 -4.53 9.26
C VAL A 178 9.20 -4.75 9.88
N GLU A 179 9.15 -5.60 10.91
CA GLU A 179 7.89 -5.90 11.57
C GLU A 179 7.40 -4.70 12.36
N ILE A 180 6.09 -4.48 12.34
CA ILE A 180 5.43 -3.53 13.22
C ILE A 180 4.30 -4.27 13.92
N ASN A 181 4.35 -4.28 15.24
CA ASN A 181 3.46 -5.10 16.08
C ASN A 181 2.58 -4.13 16.87
N CYS A 182 1.28 -4.09 16.52
CA CYS A 182 0.34 -3.12 17.09
C CYS A 182 -0.65 -3.83 18.01
N THR A 183 -0.92 -3.24 19.20
CA THR A 183 -1.76 -3.86 20.21
C THR A 183 -2.59 -2.83 20.98
N ARG A 184 -3.91 -3.08 21.11
CA ARG A 184 -4.78 -2.40 22.07
C ARG A 184 -4.99 -3.38 23.22
N PRO A 185 -4.26 -3.27 24.34
CA PRO A 185 -4.29 -4.35 25.35
C PRO A 185 -5.70 -4.58 25.87
N SER A 186 -5.95 -5.79 26.37
CA SER A 186 -7.29 -6.13 26.85
C SER A 186 -7.68 -5.17 27.98
N ASN A 187 -6.95 -5.23 29.10
CA ASN A 187 -7.13 -4.29 30.22
C ASN A 187 -5.84 -4.09 30.97
N ASP A 195 -8.69 3.44 29.10
CA ASP A 195 -8.92 3.99 27.78
C ASP A 195 -8.91 2.88 26.75
N ILE A 196 -10.10 2.52 26.30
CA ILE A 196 -10.20 1.41 25.38
C ILE A 196 -9.70 1.79 23.98
N ARG A 197 -9.53 3.08 23.70
CA ARG A 197 -9.05 3.49 22.39
C ARG A 197 -7.55 3.63 22.33
N LYS A 198 -6.88 3.68 23.48
CA LYS A 198 -5.43 3.84 23.51
C LYS A 198 -4.74 2.55 23.11
N ALA A 199 -3.76 2.64 22.20
CA ALA A 199 -3.01 1.47 21.74
C ALA A 199 -1.60 1.93 21.43
N TYR A 200 -0.79 0.99 20.95
CA TYR A 200 0.60 1.32 20.63
C TYR A 200 1.12 0.29 19.63
N CYS A 201 2.18 0.67 18.91
CA CYS A 201 2.88 -0.21 17.97
C CYS A 201 4.34 -0.31 18.38
N GLU A 202 4.86 -1.53 18.35
CA GLU A 202 6.24 -1.80 18.72
C GLU A 202 7.04 -2.17 17.48
N ILE A 203 8.13 -1.45 17.26
CA ILE A 203 9.03 -1.66 16.12
C ILE A 203 10.42 -1.87 16.71
N ASN A 204 11.16 -2.81 16.15
CA ASN A 204 12.56 -2.99 16.52
C ASN A 204 13.36 -1.81 15.98
N GLY A 205 13.69 -0.86 16.86
CA GLY A 205 14.34 0.37 16.39
C GLY A 205 15.67 0.10 15.73
N THR A 206 16.36 -0.96 16.18
CA THR A 206 17.62 -1.35 15.56
C THR A 206 17.39 -1.72 14.11
N LYS A 207 16.38 -2.56 13.85
CA LYS A 207 15.99 -2.92 12.49
C LYS A 207 15.58 -1.70 11.70
N TRP A 208 14.70 -0.87 12.28
CA TRP A 208 14.15 0.26 11.55
C TRP A 208 15.23 1.25 11.17
N ASN A 209 15.97 1.75 12.18
CA ASN A 209 16.95 2.81 11.94
C ASN A 209 17.99 2.36 10.91
N LYS A 210 18.39 1.08 10.92
CA LYS A 210 19.36 0.60 9.94
C LYS A 210 18.77 0.65 8.53
N VAL A 211 17.56 0.11 8.35
CA VAL A 211 16.88 0.19 7.05
C VAL A 211 16.70 1.64 6.65
N LEU A 212 16.40 2.52 7.61
CA LEU A 212 16.16 3.91 7.27
C LEU A 212 17.45 4.61 6.86
N LYS A 213 18.58 4.23 7.45
CA LYS A 213 19.86 4.68 6.94
C LYS A 213 20.06 4.27 5.48
N GLN A 214 19.71 3.01 5.14
CA GLN A 214 19.93 2.57 3.76
C GLN A 214 19.02 3.30 2.80
N VAL A 215 17.87 3.77 3.28
CA VAL A 215 16.98 4.53 2.43
C VAL A 215 17.60 5.88 2.14
N THR A 216 18.20 6.49 3.16
CA THR A 216 18.83 7.78 2.94
C THR A 216 19.96 7.66 1.94
N GLU A 217 20.80 6.63 2.08
CA GLU A 217 21.81 6.35 1.08
C GLU A 217 21.21 6.34 -0.33
N LYS A 218 20.11 5.60 -0.52
CA LYS A 218 19.52 5.48 -1.85
C LYS A 218 18.98 6.80 -2.33
N LEU A 219 18.39 7.59 -1.43
CA LEU A 219 17.87 8.91 -1.78
C LEU A 219 18.99 9.88 -2.10
N LYS A 220 20.12 9.76 -1.40
CA LYS A 220 21.35 10.48 -1.75
C LYS A 220 21.70 10.31 -3.21
N GLU A 221 21.74 9.05 -3.68
CA GLU A 221 22.11 8.76 -5.07
C GLU A 221 21.27 9.55 -6.08
N HIS A 222 19.98 9.62 -5.85
CA HIS A 222 19.09 10.30 -6.78
C HIS A 222 19.11 11.81 -6.61
N PHE A 223 19.69 12.32 -5.52
CA PHE A 223 19.60 13.73 -5.17
C PHE A 223 20.97 14.33 -4.95
N ASN A 224 21.96 13.86 -5.74
CA ASN A 224 23.25 14.52 -5.87
C ASN A 224 24.04 14.48 -4.57
N ASN A 225 24.02 13.34 -3.89
CA ASN A 225 24.79 13.18 -2.66
C ASN A 225 24.48 14.28 -1.64
N LYS A 226 23.29 14.87 -1.75
CA LYS A 226 22.90 15.98 -0.89
C LYS A 226 22.58 15.45 0.50
N THR A 227 22.18 16.35 1.40
CA THR A 227 21.85 15.98 2.77
C THR A 227 20.38 15.61 2.84
N ILE A 228 20.10 14.37 3.23
CA ILE A 228 18.75 13.83 3.27
C ILE A 228 18.25 13.95 4.70
N ILE A 229 17.10 14.57 4.88
CA ILE A 229 16.52 14.81 6.20
C ILE A 229 15.06 14.38 6.18
N PHE A 230 14.63 13.67 7.23
CA PHE A 230 13.22 13.29 7.37
C PHE A 230 12.52 14.20 8.36
N GLN A 231 11.23 14.44 8.13
CA GLN A 231 10.48 15.28 9.03
C GLN A 231 9.01 14.84 9.05
N PRO A 232 8.32 15.05 10.16
CA PRO A 232 6.90 14.66 10.23
C PRO A 232 6.07 15.44 9.22
N PRO A 233 4.84 15.02 8.94
CA PRO A 233 4.05 15.70 7.92
C PRO A 233 3.75 17.12 8.38
N SER A 234 3.67 18.04 7.42
CA SER A 234 3.58 19.47 7.71
C SER A 234 2.11 19.91 7.71
N GLY A 235 1.33 19.22 8.53
CA GLY A 235 -0.08 19.48 8.64
C GLY A 235 -0.89 18.53 7.79
N GLY A 236 -2.20 18.68 7.94
CA GLY A 236 -3.18 17.87 7.24
C GLY A 236 -4.10 17.20 8.24
N ASP A 237 -4.90 16.29 7.72
CA ASP A 237 -5.81 15.58 8.60
C ASP A 237 -5.10 14.38 9.22
N LEU A 238 -5.75 13.79 10.22
CA LEU A 238 -5.10 12.76 11.02
C LEU A 238 -4.72 11.54 10.19
N GLU A 239 -5.48 11.25 9.11
CA GLU A 239 -5.14 10.08 8.30
C GLU A 239 -3.82 10.26 7.59
N ILE A 240 -3.39 11.52 7.36
CA ILE A 240 -2.16 11.82 6.65
C ILE A 240 -1.05 12.19 7.63
N THR A 241 -1.39 12.83 8.75
CA THR A 241 -0.33 13.14 9.69
C THR A 241 0.08 11.92 10.52
N MET A 242 -0.79 10.91 10.63
CA MET A 242 -0.51 9.66 11.33
C MET A 242 -0.40 8.49 10.36
N HIS A 243 0.32 7.45 10.78
CA HIS A 243 0.26 6.16 10.09
C HIS A 243 -1.11 5.58 10.43
N SER A 244 -1.96 5.51 9.43
CA SER A 244 -3.32 5.04 9.62
C SER A 244 -3.44 3.68 8.96
N PHE A 245 -4.26 2.78 9.52
CA PHE A 245 -4.50 1.47 8.91
C PHE A 245 -5.65 0.80 9.67
N ASN A 246 -6.15 -0.28 9.08
CA ASN A 246 -7.23 -1.04 9.69
C ASN A 246 -6.70 -2.38 10.18
N CYS A 247 -7.12 -2.75 11.39
CA CYS A 247 -6.65 -3.92 12.13
C CYS A 247 -7.87 -4.64 12.69
N ARG A 248 -8.18 -5.82 12.15
CA ARG A 248 -9.35 -6.58 12.59
C ARG A 248 -10.62 -5.74 12.57
N GLY A 249 -10.73 -4.81 11.62
CA GLY A 249 -11.91 -3.98 11.54
C GLY A 249 -11.85 -2.69 12.31
N GLU A 250 -10.81 -2.47 13.11
CA GLU A 250 -10.64 -1.26 13.90
C GLU A 250 -9.64 -0.32 13.22
N PHE A 251 -9.93 0.99 13.22
CA PHE A 251 -9.08 1.97 12.55
C PHE A 251 -8.03 2.50 13.52
N PHE A 252 -6.77 2.18 13.27
CA PHE A 252 -5.66 2.59 14.13
C PHE A 252 -5.00 3.83 13.53
N TYR A 253 -4.64 4.77 14.40
CA TYR A 253 -3.89 5.96 14.00
C TYR A 253 -2.65 6.03 14.88
N CYS A 254 -1.47 5.95 14.27
CA CYS A 254 -0.23 5.80 15.02
C CYS A 254 0.72 6.94 14.72
N ASN A 255 1.14 7.64 15.77
CA ASN A 255 2.10 8.73 15.64
C ASN A 255 3.48 8.19 15.29
N THR A 256 3.97 8.53 14.10
CA THR A 256 5.24 7.98 13.62
C THR A 256 6.39 8.97 13.74
N THR A 257 6.22 10.03 14.54
CA THR A 257 7.32 10.98 14.71
C THR A 257 8.61 10.27 15.10
N GLN A 258 8.52 9.28 15.98
CA GLN A 258 9.72 8.60 16.45
C GLN A 258 10.38 7.80 15.34
N LEU A 259 9.62 7.42 14.31
CA LEU A 259 10.23 6.79 13.15
C LEU A 259 10.96 7.80 12.29
N PHE A 260 10.40 9.01 12.12
CA PHE A 260 10.99 9.96 11.19
C PHE A 260 11.64 11.14 11.92
N ASN A 261 12.46 10.81 12.92
CA ASN A 261 13.43 11.72 13.52
C ASN A 261 14.85 11.28 13.14
N ASN A 262 15.64 12.24 12.67
CA ASN A 262 16.96 11.99 12.13
C ASN A 262 18.02 11.75 13.21
N THR A 263 17.66 11.93 14.48
CA THR A 263 18.54 11.65 15.62
C THR A 263 19.46 10.50 15.32
N CYS A 264 18.85 9.36 15.01
CA CYS A 264 19.53 8.15 14.63
C CYS A 264 19.78 8.03 13.14
N LYS A 271 24.02 6.96 18.91
CA LYS A 271 23.53 7.61 20.14
C LYS A 271 22.87 6.46 20.89
N GLY A 272 22.31 6.72 22.08
CA GLY A 272 21.53 5.74 22.84
C GLY A 272 20.06 5.57 22.45
N CYS A 273 19.80 5.39 21.15
CA CYS A 273 18.50 5.16 20.51
C CYS A 273 18.50 3.90 19.66
N ASN A 274 18.43 2.74 20.31
CA ASN A 274 18.34 1.56 19.46
C ASN A 274 17.77 0.36 20.22
N GLY A 275 16.81 0.63 21.08
CA GLY A 275 16.00 -0.41 21.65
C GLY A 275 14.72 -0.60 20.86
N THR A 276 13.64 -0.88 21.55
CA THR A 276 12.33 -0.99 20.93
C THR A 276 11.69 0.39 20.88
N ILE A 277 11.07 0.68 19.74
CA ILE A 277 10.32 1.92 19.54
C ILE A 277 8.85 1.59 19.78
N THR A 278 8.25 2.23 20.78
CA THR A 278 6.81 2.16 21.03
C THR A 278 6.21 3.44 20.43
N LEU A 279 5.38 3.28 19.37
CA LEU A 279 4.62 4.38 18.79
C LEU A 279 3.29 4.51 19.53
N PRO A 280 2.89 5.72 19.95
CA PRO A 280 1.55 5.88 20.55
C PRO A 280 0.48 5.90 19.47
N CYS A 281 -0.62 5.18 19.72
CA CYS A 281 -1.69 5.00 18.75
C CYS A 281 -3.03 5.26 19.40
N LYS A 282 -4.03 5.41 18.54
CA LYS A 282 -5.42 5.59 18.96
C LYS A 282 -6.31 4.83 18.00
N ILE A 283 -7.33 4.16 18.54
CA ILE A 283 -8.41 3.64 17.73
C ILE A 283 -9.43 4.74 17.60
N LYS A 284 -9.64 5.20 16.38
CA LYS A 284 -10.59 6.26 16.08
C LYS A 284 -11.90 5.64 15.62
N GLN A 285 -13.02 6.27 15.98
CA GLN A 285 -14.34 5.85 15.55
C GLN A 285 -14.86 6.69 14.39
N ILE A 286 -14.41 7.93 14.28
CA ILE A 286 -14.81 8.84 13.22
C ILE A 286 -13.65 8.96 12.23
N ILE A 287 -13.91 8.59 10.97
CA ILE A 287 -12.89 8.41 9.96
C ILE A 287 -13.20 9.31 8.79
N ASN A 288 -12.15 9.80 8.16
CA ASN A 288 -12.25 10.49 6.89
C ASN A 288 -12.03 9.45 5.81
N MET A 289 -13.11 9.08 5.12
CA MET A 289 -13.11 7.96 4.19
C MET A 289 -12.03 8.12 3.14
N TRP A 290 -11.38 7.02 2.79
CA TRP A 290 -10.44 7.04 1.69
C TRP A 290 -11.11 6.76 0.35
N GLN A 291 -12.29 6.16 0.36
CA GLN A 291 -12.98 5.79 -0.88
C GLN A 291 -13.53 7.03 -1.55
N GLY A 292 -14.65 7.52 -1.04
CA GLY A 292 -15.14 8.82 -1.43
C GLY A 292 -15.08 9.86 -0.32
N THR A 293 -15.09 11.13 -0.72
CA THR A 293 -15.05 12.21 0.25
C THR A 293 -16.20 12.07 1.24
N GLY A 294 -15.88 12.00 2.51
CA GLY A 294 -16.90 11.96 3.53
C GLY A 294 -16.39 11.43 4.84
N GLN A 295 -17.29 11.38 5.83
CA GLN A 295 -16.97 10.98 7.19
C GLN A 295 -17.79 9.76 7.55
N ALA A 296 -17.16 8.79 8.21
CA ALA A 296 -17.86 7.58 8.63
C ALA A 296 -17.62 7.37 10.12
N MET A 297 -18.68 7.04 10.84
CA MET A 297 -18.57 6.74 12.26
C MET A 297 -18.89 5.27 12.47
N TYR A 298 -17.93 4.54 13.05
CA TYR A 298 -18.03 3.14 13.38
C TYR A 298 -18.16 2.96 14.88
N ALA A 299 -18.47 1.74 15.28
CA ALA A 299 -18.74 1.42 16.67
C ALA A 299 -17.43 1.32 17.45
N PRO A 300 -17.50 1.46 18.77
CA PRO A 300 -16.29 1.36 19.59
C PRO A 300 -15.64 0.00 19.45
N PRO A 301 -14.40 -0.16 19.92
CA PRO A 301 -13.65 -1.36 19.58
C PRO A 301 -14.14 -2.60 20.32
N ILE A 302 -13.92 -3.75 19.67
CA ILE A 302 -14.23 -5.01 20.32
C ILE A 302 -13.47 -5.14 21.64
N ASP A 303 -13.94 -6.05 22.50
CA ASP A 303 -13.26 -6.31 23.76
C ASP A 303 -12.03 -7.18 23.53
N GLY A 304 -11.15 -7.21 24.54
CA GLY A 304 -9.97 -8.06 24.51
C GLY A 304 -8.79 -7.45 23.78
N LYS A 305 -7.70 -8.21 23.79
CA LYS A 305 -6.47 -7.84 23.10
C LYS A 305 -6.69 -7.83 21.59
N ILE A 306 -6.59 -6.65 20.99
CA ILE A 306 -6.60 -6.48 19.55
C ILE A 306 -5.15 -6.33 19.10
N ASN A 307 -4.69 -7.24 18.25
CA ASN A 307 -3.28 -7.30 17.87
C ASN A 307 -3.15 -7.60 16.38
N CYS A 308 -2.22 -6.89 15.71
CA CYS A 308 -1.86 -7.07 14.30
C CYS A 308 -0.35 -6.97 14.17
N VAL A 309 0.26 -8.00 13.62
CA VAL A 309 1.69 -8.03 13.33
C VAL A 309 1.82 -7.99 11.82
N SER A 310 2.40 -6.91 11.29
CA SER A 310 2.50 -6.70 9.85
C SER A 310 3.94 -6.47 9.44
N ASN A 311 4.20 -6.58 8.14
CA ASN A 311 5.51 -6.30 7.58
C ASN A 311 5.46 -4.92 6.92
N ILE A 312 6.32 -4.00 7.37
CA ILE A 312 6.54 -2.76 6.64
C ILE A 312 7.35 -3.15 5.42
N THR A 313 6.76 -3.03 4.23
CA THR A 313 7.45 -3.36 2.98
C THR A 313 7.74 -2.14 2.12
N GLY A 314 7.26 -0.98 2.49
CA GLY A 314 7.52 0.22 1.72
C GLY A 314 7.12 1.44 2.49
N ILE A 315 7.56 2.60 1.98
CA ILE A 315 7.33 3.91 2.56
C ILE A 315 6.80 4.85 1.49
N LEU A 316 5.79 5.64 1.83
CA LEU A 316 5.23 6.70 0.99
C LEU A 316 5.82 8.04 1.46
N LEU A 317 6.51 8.74 0.55
CA LEU A 317 7.24 9.95 0.91
C LEU A 317 6.87 11.10 -0.02
N THR A 318 6.79 12.29 0.57
CA THR A 318 6.54 13.53 -0.17
C THR A 318 7.71 14.48 0.11
N ARG A 319 8.29 15.03 -0.94
CA ARG A 319 9.47 15.89 -0.81
C ARG A 319 9.06 17.35 -0.64
N ASP A 320 9.77 18.03 0.26
CA ASP A 320 9.56 19.46 0.48
C ASP A 320 9.95 20.24 -0.76
N GLY A 321 9.00 21.06 -1.27
CA GLY A 321 9.25 21.92 -2.41
C GLY A 321 9.91 23.25 -2.04
N GLY A 322 10.43 23.92 -3.07
CA GLY A 322 11.01 25.24 -2.96
C GLY A 322 12.29 25.31 -2.15
N ALA A 323 13.34 24.61 -2.60
CA ALA A 323 14.60 24.57 -1.85
C ALA A 323 15.72 24.01 -2.72
N ASN A 324 15.77 24.44 -3.99
CA ASN A 324 16.84 23.98 -4.87
C ASN A 324 18.20 24.54 -4.47
N ASN A 325 18.25 25.75 -3.89
CA ASN A 325 19.52 26.35 -3.46
C ASN A 325 19.74 26.22 -1.96
N THR A 326 19.00 25.32 -1.31
CA THR A 326 19.30 24.79 0.01
C THR A 326 20.33 23.66 -0.13
N SER A 327 20.94 23.28 1.01
CA SER A 327 21.99 22.26 1.01
C SER A 327 21.45 20.85 1.24
N ASN A 328 20.14 20.69 1.33
CA ASN A 328 19.58 19.41 1.72
C ASN A 328 18.14 19.31 1.27
N GLU A 329 17.67 18.07 1.16
CA GLU A 329 16.29 17.79 0.78
C GLU A 329 15.64 17.06 1.94
N THR A 330 14.47 17.53 2.32
CA THR A 330 13.67 16.93 3.37
C THR A 330 12.52 16.15 2.76
N PHE A 331 12.20 15.03 3.41
CA PHE A 331 11.13 14.14 3.00
C PHE A 331 10.17 13.96 4.17
N ARG A 332 8.88 13.86 3.90
CA ARG A 332 7.89 13.61 4.93
C ARG A 332 6.98 12.46 4.52
N PRO A 333 6.45 11.71 5.47
CA PRO A 333 5.55 10.60 5.10
C PRO A 333 4.20 11.14 4.67
N GLY A 334 3.62 10.53 3.63
CA GLY A 334 2.36 11.04 3.14
C GLY A 334 1.59 10.15 2.19
N GLY A 335 0.50 9.55 2.66
CA GLY A 335 -0.36 8.84 1.74
C GLY A 335 -1.70 9.49 1.51
N GLY A 336 -2.75 8.67 1.48
CA GLY A 336 -4.09 9.16 1.27
C GLY A 336 -4.71 8.67 -0.02
N ASP A 337 -3.98 8.74 -1.14
CA ASP A 337 -4.46 8.20 -2.41
C ASP A 337 -4.11 6.72 -2.48
N MET A 338 -5.09 5.86 -2.18
CA MET A 338 -4.83 4.44 -2.10
C MET A 338 -4.33 3.84 -3.39
N ARG A 339 -4.46 4.55 -4.52
CA ARG A 339 -4.02 3.97 -5.78
C ARG A 339 -2.53 3.70 -5.75
N ASP A 340 -1.78 4.54 -5.03
CA ASP A 340 -0.35 4.32 -4.89
C ASP A 340 -0.06 3.02 -4.15
N ASN A 341 -0.93 2.62 -3.20
CA ASN A 341 -0.78 1.32 -2.53
C ASN A 341 -0.90 0.19 -3.54
N TRP A 342 -1.90 0.27 -4.42
CA TRP A 342 -2.05 -0.74 -5.47
C TRP A 342 -0.89 -0.69 -6.45
N ARG A 343 -0.47 0.52 -6.84
CA ARG A 343 0.65 0.69 -7.76
C ARG A 343 1.93 0.03 -7.26
N SER A 344 2.16 0.02 -5.94
CA SER A 344 3.42 -0.50 -5.43
C SER A 344 3.54 -2.01 -5.62
N GLU A 345 2.44 -2.68 -5.99
CA GLU A 345 2.43 -4.10 -6.34
C GLU A 345 2.13 -4.38 -7.81
N LEU A 346 1.42 -3.50 -8.53
CA LEU A 346 1.11 -3.73 -9.94
C LEU A 346 2.18 -3.19 -10.85
N TYR A 347 3.21 -2.55 -10.29
CA TYR A 347 4.17 -1.80 -11.08
C TYR A 347 4.85 -2.65 -12.14
N LYS A 348 4.91 -3.96 -11.96
CA LYS A 348 5.62 -4.81 -12.91
C LYS A 348 4.69 -5.43 -13.96
N TYR A 349 3.41 -5.09 -13.95
CA TYR A 349 2.47 -5.66 -14.89
C TYR A 349 1.92 -4.62 -15.85
N LYS A 350 1.47 -5.08 -17.01
CA LYS A 350 0.78 -4.24 -17.98
C LYS A 350 0.00 -5.13 -18.94
N VAL A 351 -1.14 -4.65 -19.35
CA VAL A 351 -2.03 -5.44 -20.18
C VAL A 351 -1.76 -5.13 -21.66
N VAL A 352 -1.83 -6.15 -22.50
CA VAL A 352 -1.62 -6.01 -23.93
C VAL A 352 -2.63 -6.88 -24.65
N GLN A 353 -3.06 -6.41 -25.81
CA GLN A 353 -3.98 -7.15 -26.67
C GLN A 353 -3.17 -7.94 -27.67
N ILE A 354 -3.48 -9.24 -27.78
CA ILE A 354 -2.80 -10.07 -28.76
C ILE A 354 -3.28 -9.65 -30.14
N GLU A 355 -2.45 -8.89 -30.85
CA GLU A 355 -2.77 -8.42 -32.19
C GLU A 355 -2.36 -9.48 -33.20
C1 NAG B . 13.66 4.90 -13.86
C2 NAG B . 14.09 6.31 -13.53
C3 NAG B . 14.03 7.17 -14.79
C4 NAG B . 14.85 6.54 -15.90
C5 NAG B . 14.43 5.09 -16.11
C6 NAG B . 15.30 4.34 -17.09
C7 NAG B . 13.64 6.88 -11.17
C8 NAG B . 12.69 7.49 -10.20
N2 NAG B . 13.28 6.88 -12.47
O3 NAG B . 14.51 8.49 -14.53
O4 NAG B . 14.69 7.28 -17.11
O5 NAG B . 14.50 4.36 -14.88
O6 NAG B . 14.53 3.81 -18.16
O7 NAG B . 14.72 6.41 -10.81
C1 NAG C . 14.54 -13.26 -16.01
C2 NAG C . 15.85 -13.80 -15.41
C3 NAG C . 15.62 -14.45 -14.02
C4 NAG C . 14.41 -15.39 -14.01
C5 NAG C . 13.26 -14.85 -14.85
C6 NAG C . 11.91 -14.98 -14.21
C7 NAG C . 16.77 -14.46 -17.59
C8 NAG C . 17.39 -15.58 -18.38
N2 NAG C . 16.47 -14.75 -16.32
O3 NAG C . 15.46 -13.43 -13.03
O4 NAG C . 14.77 -16.66 -14.53
O5 NAG C . 13.48 -13.45 -15.09
O6 NAG C . 10.90 -15.16 -15.18
O7 NAG C . 16.54 -13.37 -18.09
C1 NAG D . -0.54 -8.40 7.85
C2 NAG D . -1.83 -7.93 8.54
C3 NAG D . -2.03 -8.66 9.85
C4 NAG D . -2.01 -10.17 9.62
C5 NAG D . -0.69 -10.54 8.97
C6 NAG D . -0.50 -12.02 8.69
C7 NAG D . -2.68 -5.68 8.12
C8 NAG D . -2.56 -4.21 8.46
N2 NAG D . -1.82 -6.49 8.75
O3 NAG D . -3.25 -8.24 10.44
O4 NAG D . -2.17 -10.87 10.84
O5 NAG D . -0.55 -9.84 7.72
O6 NAG D . -1.34 -12.51 7.65
O7 NAG D . -3.49 -6.10 7.33
C1 NAG E . 9.43 16.78 -13.96
C2 NAG E . 9.22 17.21 -15.42
C3 NAG E . 9.91 18.54 -15.70
C4 NAG E . 9.47 19.60 -14.70
C5 NAG E . 9.78 19.09 -13.29
C6 NAG E . 9.42 20.07 -12.19
C7 NAG E . 8.83 15.51 -17.14
C8 NAG E . 9.46 14.49 -18.04
N2 NAG E . 9.68 16.19 -16.35
O3 NAG E . 9.64 18.97 -17.04
O4 NAG E . 10.16 20.82 -14.93
O5 NAG E . 9.05 17.87 -13.07
O6 NAG E . 8.03 20.08 -11.87
O7 NAG E . 7.61 15.72 -17.13
C1 NAG F . 19.10 -3.68 0.25
C2 NAG F . 20.30 -4.60 0.54
C3 NAG F . 21.47 -3.79 1.08
C4 NAG F . 21.81 -2.65 0.14
C5 NAG F . 20.57 -1.79 -0.11
C6 NAG F . 20.82 -0.70 -1.12
C7 NAG F . 19.45 -6.84 1.06
C8 NAG F . 19.10 -7.82 2.14
N2 NAG F . 19.92 -5.66 1.46
O3 NAG F . 22.60 -4.63 1.28
O4 NAG F . 22.82 -1.82 0.71
O5 NAG F . 19.51 -2.61 -0.62
O6 NAG F . 19.64 0.06 -1.37
O7 NAG F . 19.29 -7.11 -0.13
C1 NAG G . 3.43 -8.13 19.97
C2 NAG G . 4.05 -9.49 20.31
C3 NAG G . 3.30 -10.14 21.48
C4 NAG G . 3.22 -9.18 22.65
C5 NAG G . 2.58 -7.88 22.20
C6 NAG G . 2.49 -6.84 23.29
C7 NAG G . 5.13 -10.63 18.39
C8 NAG G . 4.92 -11.60 17.27
N2 NAG G . 4.04 -10.39 19.15
O3 NAG G . 3.92 -11.36 21.85
O4 NAG G . 2.43 -9.75 23.70
O5 NAG G . 3.38 -7.31 21.15
O6 NAG G . 3.66 -6.03 23.34
O7 NAG G . 6.21 -10.08 18.60
C1 NAG H . 16.20 -6.15 16.57
C2 NAG H . 16.30 -7.39 17.47
C3 NAG H . 17.73 -7.95 17.50
C4 NAG H . 18.23 -8.17 16.08
C5 NAG H . 18.16 -6.83 15.34
C6 NAG H . 18.68 -6.90 13.93
C7 NAG H . 14.86 -7.67 19.44
C8 NAG H . 14.53 -7.18 20.83
N2 NAG H . 15.86 -7.05 18.83
O3 NAG H . 17.74 -9.18 18.21
O4 NAG H . 19.57 -8.65 16.07
O5 NAG H . 16.79 -6.44 15.28
O6 NAG H . 17.64 -7.11 12.97
O7 NAG H . 14.24 -8.60 18.92
C1 NAG I . 3.25 13.06 17.42
C2 NAG I . 2.34 14.30 17.35
C3 NAG I . 3.17 15.58 17.49
C4 NAG I . 4.00 15.53 18.77
C5 NAG I . 4.89 14.29 18.72
C6 NAG I . 5.74 14.13 19.96
C7 NAG I . 0.27 14.51 16.05
C8 NAG I . -0.34 14.50 14.67
N2 NAG I . 1.59 14.32 16.10
O3 NAG I . 2.32 16.72 17.45
O4 NAG I . 4.82 16.68 18.87
O5 NAG I . 4.07 13.12 18.62
O6 NAG I . 4.97 13.66 21.06
O7 NAG I . -0.41 14.67 17.05
C1 NAG J . 6.78 -10.98 6.55
C2 NAG J . 5.88 -12.03 5.88
C3 NAG J . 6.50 -13.43 5.99
C4 NAG J . 7.94 -13.42 5.50
C5 NAG J . 8.74 -12.36 6.26
C6 NAG J . 10.16 -12.23 5.78
C7 NAG J . 3.48 -11.54 5.82
C8 NAG J . 2.19 -11.57 6.59
N2 NAG J . 4.56 -12.01 6.47
O3 NAG J . 5.73 -14.33 5.19
O4 NAG J . 8.54 -14.71 5.68
O5 NAG J . 8.11 -11.08 6.05
O6 NAG J . 10.47 -10.88 5.46
O7 NAG J . 3.54 -11.11 4.67
N1 EPE K . -15.60 -7.44 -10.96
C2 EPE K . -15.40 -6.07 -11.47
C3 EPE K . -14.07 -5.98 -12.18
N4 EPE K . -12.99 -6.63 -11.44
C5 EPE K . -13.29 -7.83 -10.68
C6 EPE K . -14.60 -7.71 -9.93
C7 EPE K . -11.62 -6.35 -11.80
C8 EPE K . -11.26 -4.87 -11.80
O8 EPE K . -11.62 -4.25 -13.02
C9 EPE K . -16.97 -7.63 -10.49
C10 EPE K . -17.52 -8.97 -10.97
S EPE K . -19.27 -9.16 -10.56
O1S EPE K . -19.50 -8.79 -9.17
O2S EPE K . -20.02 -8.26 -11.42
O3S EPE K . -19.70 -10.53 -10.78
C10 A1ATE L . -7.50 8.66 3.74
CG A1ATE L . -9.24 10.99 -5.01
ND1 A1ATE L . -9.61 10.42 -6.12
CD2 A1ATE L . -8.50 12.43 -5.38
CE1 A1ATE L . -8.22 12.41 -6.63
CE2 A1ATE L . -9.30 11.48 -7.25
CZ A1ATE L . -10.24 9.07 -6.34
NH1 A1ATE L . -10.48 8.27 -5.38
NH2 A1ATE L . -10.53 8.73 -7.51
C01 A1ATE L . -10.51 11.22 -4.16
C03 A1ATE L . -11.86 11.00 -2.00
C04 A1ATE L . -11.69 11.60 -0.61
C06 A1ATE L . -9.96 12.00 1.12
C08 A1ATE L . -7.62 10.74 1.92
C09 A1ATE L . -8.13 9.98 3.17
C13 A1ATE L . -8.06 6.70 5.31
C14 A1ATE L . -6.86 6.07 5.05
C15 A1ATE L . -6.57 4.90 5.69
C17 A1ATE L . -7.49 4.36 6.57
C19 A1ATE L . -8.69 4.98 6.82
C20 A1ATE L . -8.98 6.17 6.18
C21 A1ATE L . -8.06 10.89 4.38
C22 A1ATE L . -8.79 12.20 4.36
C23 A1ATE L . -8.61 12.82 2.95
C25 A1ATE L . -9.86 10.03 -0.52
C26 A1ATE L . -9.57 10.16 -2.00
C27 A1ATE L . -8.33 13.38 5.27
F16 A1ATE L . -5.40 4.30 5.46
N02 A1ATE L . -10.64 10.81 -2.76
N05 A1ATE L . -10.46 11.20 0.03
N07 A1ATE L . -8.73 11.80 1.88
N12 A1ATE L . -8.41 7.94 4.66
O11 A1ATE L . -6.42 8.29 3.46
O24 A1ATE L . -10.65 12.92 1.39
O27 A1ATE L . -11.45 11.74 -4.68
O28 A1ATE L . -9.27 14.42 5.05
CL1 A1ATE L . -7.19 2.82 7.41
#